data_9OL7
#
_entry.id   9OL7
#
loop_
_entity.id
_entity.type
_entity.pdbx_description
1 polymer '(ACE)SKTFIQV(DPR)(4G6) peptide'
2 polymer '(ACE)KNVLYRR peptide'
#
loop_
_entity_poly.entity_id
_entity_poly.type
_entity_poly.pdbx_seq_one_letter_code
_entity_poly.pdbx_strand_id
1 'polypeptide(L)' (ACE)SKTFIQV(DPR)(4G6) A
2 'polypeptide(L)' (ACE)KNVLYRR B
#
# COMPACT_ATOMS: atom_id res chain seq x y z
N SER A 2 10.04 -1.18 3.43
CA SER A 2 9.23 -2.09 2.64
C SER A 2 7.96 -1.37 2.16
N LYS A 3 7.79 -1.29 0.85
CA LYS A 3 6.63 -0.64 0.27
C LYS A 3 5.51 -1.64 0.04
N THR A 4 4.46 -1.52 0.82
CA THR A 4 3.31 -2.40 0.71
C THR A 4 2.17 -1.69 0.02
N PHE A 5 1.73 -2.23 -1.11
CA PHE A 5 0.65 -1.62 -1.88
C PHE A 5 -0.62 -2.43 -1.74
N ILE A 6 -1.51 -1.99 -0.87
CA ILE A 6 -2.77 -2.67 -0.67
C ILE A 6 -3.80 -2.17 -1.68
N GLN A 7 -4.24 -3.05 -2.57
CA GLN A 7 -5.19 -2.68 -3.58
C GLN A 7 -6.61 -2.71 -3.01
N VAL A 8 -7.33 -1.63 -3.26
CA VAL A 8 -8.71 -1.50 -2.82
C VAL A 8 -9.62 -1.39 -4.03
N LYS B 2 7.88 0.36 7.51
CA LYS B 2 6.70 -0.27 6.95
C LYS B 2 5.84 0.77 6.25
N ASN B 3 6.10 0.99 4.98
CA ASN B 3 5.36 1.97 4.20
C ASN B 3 4.11 1.33 3.61
N VAL B 4 3.00 1.46 4.30
CA VAL B 4 1.74 0.92 3.83
C VAL B 4 1.03 1.93 2.96
N LEU B 5 0.88 1.59 1.69
CA LEU B 5 0.19 2.44 0.75
C LEU B 5 -1.04 1.72 0.22
N TYR B 6 -1.94 2.49 -0.37
CA TYR B 6 -3.16 1.92 -0.93
C TYR B 6 -3.29 2.26 -2.39
N ARG B 7 -3.72 1.30 -3.18
CA ARG B 7 -3.97 1.49 -4.59
C ARG B 7 -5.41 1.13 -4.93
N ARG B 8 -6.20 2.13 -5.27
CA ARG B 8 -7.59 1.91 -5.61
C ARG B 8 -7.71 1.39 -7.03
N SER A 2 8.84 -2.46 3.45
CA SER A 2 8.31 -1.14 3.19
C SER A 2 7.58 -1.10 1.86
N LYS A 3 6.89 0.00 1.59
CA LYS A 3 6.07 0.16 0.39
C LYS A 3 5.03 -0.95 0.31
N THR A 4 4.10 -0.94 1.24
CA THR A 4 3.05 -1.95 1.28
C THR A 4 1.90 -1.53 0.39
N PHE A 5 1.87 -2.07 -0.81
CA PHE A 5 0.83 -1.77 -1.78
C PHE A 5 -0.39 -2.65 -1.55
N ILE A 6 -1.44 -2.07 -0.99
CA ILE A 6 -2.68 -2.78 -0.77
C ILE A 6 -3.72 -2.38 -1.80
N GLN A 7 -4.25 -3.36 -2.52
CA GLN A 7 -5.19 -3.09 -3.59
C GLN A 7 -6.60 -2.95 -3.04
N VAL A 8 -7.19 -1.79 -3.25
CA VAL A 8 -8.54 -1.54 -2.79
C VAL A 8 -9.45 -1.28 -3.99
N LYS B 2 7.86 1.25 7.49
CA LYS B 2 6.89 0.70 6.57
C LYS B 2 5.76 1.69 6.31
N ASN B 3 5.62 2.10 5.07
CA ASN B 3 4.51 2.95 4.68
C ASN B 3 3.46 2.13 3.95
N VAL B 4 2.20 2.37 4.29
CA VAL B 4 1.11 1.61 3.71
C VAL B 4 0.47 2.40 2.58
N LEU B 5 0.55 1.85 1.39
CA LEU B 5 0.08 2.55 0.20
C LEU B 5 -1.14 1.84 -0.38
N TYR B 6 -2.30 2.48 -0.23
CA TYR B 6 -3.54 1.92 -0.73
C TYR B 6 -3.73 2.29 -2.19
N ARG B 7 -3.73 1.27 -3.04
CA ARG B 7 -3.90 1.47 -4.47
C ARG B 7 -5.33 1.15 -4.86
N ARG B 8 -6.06 2.18 -5.25
CA ARG B 8 -7.46 2.02 -5.60
C ARG B 8 -7.60 1.51 -7.02
N SER A 2 10.60 -1.32 2.90
CA SER A 2 9.59 -2.17 2.30
C SER A 2 8.23 -1.47 2.33
N LYS A 3 7.65 -1.25 1.16
CA LYS A 3 6.34 -0.64 1.07
C LYS A 3 5.29 -1.65 0.63
N THR A 4 4.18 -1.66 1.34
CA THR A 4 3.11 -2.59 1.08
C THR A 4 1.98 -1.90 0.32
N PHE A 5 1.78 -2.30 -0.92
CA PHE A 5 0.74 -1.72 -1.76
C PHE A 5 -0.53 -2.57 -1.67
N ILE A 6 -1.54 -2.03 -1.02
CA ILE A 6 -2.82 -2.71 -0.89
C ILE A 6 -3.80 -2.20 -1.94
N GLN A 7 -4.33 -3.11 -2.74
CA GLN A 7 -5.24 -2.74 -3.79
C GLN A 7 -6.68 -2.76 -3.29
N VAL A 8 -7.28 -1.57 -3.23
CA VAL A 8 -8.64 -1.42 -2.77
C VAL A 8 -9.57 -1.36 -3.97
N LYS B 2 5.80 5.82 6.41
CA LYS B 2 4.59 5.39 5.73
C LYS B 2 4.90 4.25 4.77
N ASN B 3 4.94 3.05 5.30
CA ASN B 3 5.29 1.87 4.52
C ASN B 3 4.06 1.30 3.81
N VAL B 4 2.91 1.41 4.44
CA VAL B 4 1.69 0.86 3.89
C VAL B 4 1.02 1.88 2.98
N LEU B 5 0.87 1.51 1.72
CA LEU B 5 0.26 2.39 0.73
C LEU B 5 -0.98 1.74 0.14
N TYR B 6 -1.95 2.55 -0.21
CA TYR B 6 -3.20 2.03 -0.76
C TYR B 6 -3.38 2.50 -2.20
N ARG B 7 -3.80 1.58 -3.04
CA ARG B 7 -4.04 1.87 -4.45
C ARG B 7 -5.39 1.32 -4.86
N ARG B 8 -6.21 2.16 -5.49
CA ARG B 8 -7.55 1.76 -5.89
C ARG B 8 -7.52 0.97 -7.18
N SER A 2 10.05 -1.59 2.93
CA SER A 2 9.19 -2.38 2.04
C SER A 2 7.90 -1.63 1.73
N LYS A 3 7.53 -1.61 0.46
CA LYS A 3 6.34 -0.89 0.01
C LYS A 3 5.16 -1.84 -0.10
N THR A 4 4.22 -1.72 0.82
CA THR A 4 3.05 -2.57 0.82
C THR A 4 1.90 -1.88 0.09
N PHE A 5 1.70 -2.25 -1.17
CA PHE A 5 0.66 -1.66 -1.99
C PHE A 5 -0.63 -2.46 -1.88
N ILE A 6 -1.48 -2.08 -0.94
CA ILE A 6 -2.75 -2.75 -0.74
C ILE A 6 -3.76 -2.25 -1.75
N GLN A 7 -4.31 -3.17 -2.53
CA GLN A 7 -5.26 -2.80 -3.56
C GLN A 7 -6.67 -2.74 -3.02
N VAL A 8 -7.30 -1.59 -3.19
CA VAL A 8 -8.67 -1.39 -2.78
C VAL A 8 -9.54 -1.30 -4.02
N LYS B 2 8.06 -0.75 7.57
CA LYS B 2 7.56 -0.82 6.21
C LYS B 2 6.61 0.33 5.93
N ASN B 3 6.41 0.63 4.65
CA ASN B 3 5.53 1.73 4.27
C ASN B 3 4.29 1.17 3.58
N VAL B 4 3.13 1.44 4.16
CA VAL B 4 1.89 0.92 3.63
C VAL B 4 1.21 1.95 2.73
N LEU B 5 0.89 1.52 1.52
CA LEU B 5 0.22 2.37 0.56
C LEU B 5 -1.09 1.72 0.14
N TYR B 6 -2.06 2.54 -0.23
CA TYR B 6 -3.34 2.04 -0.70
C TYR B 6 -3.58 2.45 -2.14
N ARG B 7 -3.80 1.46 -2.98
CA ARG B 7 -3.99 1.71 -4.40
C ARG B 7 -5.37 1.23 -4.84
N ARG B 8 -6.15 2.14 -5.41
CA ARG B 8 -7.49 1.81 -5.86
C ARG B 8 -7.43 1.08 -7.19
N SER A 2 10.70 0.31 2.84
CA SER A 2 9.92 -0.65 2.06
C SER A 2 8.44 -0.49 2.37
N LYS A 3 7.75 0.22 1.50
CA LYS A 3 6.33 0.48 1.67
C LYS A 3 5.50 -0.63 1.06
N THR A 4 4.38 -0.94 1.69
CA THR A 4 3.49 -1.98 1.22
C THR A 4 2.41 -1.37 0.34
N PHE A 5 1.96 -2.11 -0.66
CA PHE A 5 0.92 -1.65 -1.55
C PHE A 5 -0.27 -2.59 -1.53
N ILE A 6 -1.39 -2.11 -1.02
CA ILE A 6 -2.61 -2.89 -0.99
C ILE A 6 -3.61 -2.33 -1.99
N GLN A 7 -4.19 -3.19 -2.80
CA GLN A 7 -5.17 -2.75 -3.78
C GLN A 7 -6.56 -2.77 -3.18
N VAL A 8 -7.25 -1.65 -3.30
CA VAL A 8 -8.60 -1.52 -2.78
C VAL A 8 -9.58 -1.27 -3.93
N LYS B 2 2.27 5.73 8.50
CA LYS B 2 1.86 4.46 7.90
C LYS B 2 2.68 4.17 6.64
N ASN B 3 3.35 3.03 6.62
CA ASN B 3 4.14 2.64 5.46
C ASN B 3 3.34 1.74 4.53
N VAL B 4 2.05 1.65 4.78
CA VAL B 4 1.15 0.87 3.95
C VAL B 4 0.37 1.80 3.03
N LEU B 5 0.66 1.69 1.74
CA LEU B 5 0.02 2.51 0.74
C LEU B 5 -1.14 1.74 0.13
N TYR B 6 -2.15 2.46 -0.34
CA TYR B 6 -3.33 1.85 -0.89
C TYR B 6 -3.55 2.31 -2.33
N ARG B 7 -3.69 1.36 -3.21
CA ARG B 7 -3.95 1.66 -4.61
C ARG B 7 -5.36 1.18 -4.97
N ARG B 8 -6.17 2.10 -5.45
CA ARG B 8 -7.56 1.78 -5.75
C ARG B 8 -7.68 1.14 -7.13
N SER A 2 8.93 -1.15 4.14
CA SER A 2 8.71 -1.73 2.82
C SER A 2 7.41 -1.18 2.23
N LYS A 3 7.53 -0.45 1.12
CA LYS A 3 6.38 0.14 0.46
C LYS A 3 5.40 -0.93 -0.01
N THR A 4 4.41 -1.19 0.81
CA THR A 4 3.42 -2.21 0.53
C THR A 4 2.15 -1.58 -0.03
N PHE A 5 1.83 -1.92 -1.27
CA PHE A 5 0.66 -1.36 -1.92
C PHE A 5 -0.53 -2.29 -1.77
N ILE A 6 -1.47 -1.91 -0.94
CA ILE A 6 -2.68 -2.67 -0.72
C ILE A 6 -3.75 -2.25 -1.72
N GLN A 7 -4.23 -3.20 -2.51
CA GLN A 7 -5.20 -2.88 -3.54
C GLN A 7 -6.61 -2.88 -2.98
N VAL A 8 -7.30 -1.77 -3.19
CA VAL A 8 -8.68 -1.62 -2.79
C VAL A 8 -9.54 -1.35 -4.02
N LYS B 2 5.42 6.38 5.18
CA LYS B 2 4.22 5.56 5.14
C LYS B 2 4.51 4.28 4.38
N ASN B 3 4.76 3.20 5.12
CA ASN B 3 5.13 1.91 4.54
C ASN B 3 3.90 1.14 4.07
N VAL B 4 2.73 1.56 4.53
CA VAL B 4 1.49 0.94 4.10
C VAL B 4 0.78 1.86 3.12
N LEU B 5 0.83 1.50 1.85
CA LEU B 5 0.19 2.31 0.81
C LEU B 5 -1.08 1.64 0.34
N TYR B 6 -1.92 2.40 -0.34
CA TYR B 6 -3.17 1.88 -0.85
C TYR B 6 -3.34 2.27 -2.31
N ARG B 7 -3.80 1.32 -3.11
CA ARG B 7 -4.02 1.56 -4.52
C ARG B 7 -5.44 1.16 -4.90
N ARG B 8 -6.15 2.07 -5.54
CA ARG B 8 -7.52 1.82 -5.92
C ARG B 8 -7.58 1.16 -7.30
N SER A 2 8.87 -3.04 1.97
CA SER A 2 9.30 -2.18 0.88
C SER A 2 8.10 -1.77 0.03
N LYS A 3 7.47 -0.65 0.42
CA LYS A 3 6.29 -0.14 -0.27
C LYS A 3 5.18 -1.18 -0.34
N THR A 4 4.45 -1.31 0.75
CA THR A 4 3.36 -2.27 0.82
C THR A 4 2.11 -1.70 0.15
N PHE A 5 1.84 -2.14 -1.06
CA PHE A 5 0.69 -1.69 -1.81
C PHE A 5 -0.52 -2.56 -1.53
N ILE A 6 -1.52 -1.98 -0.89
CA ILE A 6 -2.77 -2.66 -0.65
C ILE A 6 -3.78 -2.26 -1.72
N GLN A 7 -4.33 -3.25 -2.40
CA GLN A 7 -5.27 -2.99 -3.48
C GLN A 7 -6.68 -2.82 -2.95
N VAL A 8 -7.31 -1.73 -3.34
CA VAL A 8 -8.66 -1.43 -2.92
C VAL A 8 -9.58 -1.35 -4.14
N LYS B 2 7.83 3.09 7.16
CA LYS B 2 6.69 2.17 7.12
C LYS B 2 5.75 2.57 6.00
N ASN B 3 6.17 2.32 4.77
CA ASN B 3 5.41 2.71 3.59
C ASN B 3 4.24 1.77 3.36
N VAL B 4 3.15 2.02 4.06
CA VAL B 4 1.91 1.30 3.84
C VAL B 4 1.04 2.10 2.88
N LEU B 5 0.98 1.65 1.64
CA LEU B 5 0.32 2.42 0.59
C LEU B 5 -0.95 1.73 0.14
N TYR B 6 -1.86 2.50 -0.41
CA TYR B 6 -3.13 1.99 -0.88
C TYR B 6 -3.36 2.37 -2.33
N ARG B 7 -3.81 1.41 -3.12
CA ARG B 7 -4.08 1.66 -4.52
C ARG B 7 -5.49 1.23 -4.87
N ARG B 8 -6.30 2.19 -5.28
CA ARG B 8 -7.70 1.93 -5.61
C ARG B 8 -7.82 1.45 -7.05
N SER A 2 10.21 -0.84 2.63
CA SER A 2 9.00 -1.61 2.88
C SER A 2 7.76 -0.80 2.49
N LYS A 3 7.15 -1.18 1.37
CA LYS A 3 5.94 -0.53 0.89
C LYS A 3 4.84 -1.56 0.66
N THR A 4 3.89 -1.61 1.57
CA THR A 4 2.77 -2.52 1.45
C THR A 4 1.69 -1.92 0.55
N PHE A 5 1.74 -2.26 -0.74
CA PHE A 5 0.75 -1.78 -1.69
C PHE A 5 -0.53 -2.62 -1.61
N ILE A 6 -1.57 -2.05 -1.05
CA ILE A 6 -2.85 -2.73 -0.94
C ILE A 6 -3.82 -2.21 -1.98
N GLN A 7 -4.25 -3.10 -2.87
CA GLN A 7 -5.19 -2.73 -3.91
C GLN A 7 -6.61 -2.81 -3.38
N VAL A 8 -7.20 -1.65 -3.16
CA VAL A 8 -8.57 -1.56 -2.67
C VAL A 8 -9.51 -1.41 -3.85
N LYS B 2 0.91 2.45 8.50
CA LYS B 2 2.33 2.75 8.46
C LYS B 2 3.04 1.85 7.45
N ASN B 3 3.69 2.50 6.49
CA ASN B 3 4.38 1.82 5.39
C ASN B 3 3.37 1.10 4.48
N VAL B 4 2.11 1.44 4.66
CA VAL B 4 1.04 0.85 3.86
C VAL B 4 0.55 1.86 2.84
N LEU B 5 0.63 1.48 1.58
CA LEU B 5 0.22 2.36 0.50
C LEU B 5 -1.01 1.80 -0.18
N TYR B 6 -2.10 2.54 -0.12
CA TYR B 6 -3.36 2.10 -0.68
C TYR B 6 -3.49 2.51 -2.13
N ARG B 7 -3.84 1.54 -2.95
CA ARG B 7 -3.98 1.75 -4.39
C ARG B 7 -5.38 1.33 -4.83
N ARG B 8 -6.04 2.22 -5.56
CA ARG B 8 -7.41 1.98 -6.00
C ARG B 8 -7.44 1.08 -7.22
N SER A 2 10.05 -2.71 4.08
CA SER A 2 8.64 -3.04 4.19
C SER A 2 7.76 -1.88 3.76
N LYS A 3 7.39 -1.89 2.48
CA LYS A 3 6.49 -0.89 1.92
C LYS A 3 5.50 -1.57 0.99
N THR A 4 4.31 -1.81 1.52
CA THR A 4 3.33 -2.64 0.83
C THR A 4 2.23 -1.80 0.20
N PHE A 5 1.80 -2.20 -0.98
CA PHE A 5 0.70 -1.56 -1.67
C PHE A 5 -0.53 -2.43 -1.59
N ILE A 6 -1.60 -1.91 -1.01
CA ILE A 6 -2.86 -2.64 -0.91
C ILE A 6 -3.85 -2.11 -1.94
N GLN A 7 -4.28 -2.98 -2.84
CA GLN A 7 -5.21 -2.58 -3.88
C GLN A 7 -6.64 -2.78 -3.41
N VAL A 8 -7.33 -1.68 -3.18
CA VAL A 8 -8.70 -1.69 -2.72
C VAL A 8 -9.64 -1.52 -3.90
N LYS B 2 8.21 0.19 7.82
CA LYS B 2 6.84 -0.33 7.96
C LYS B 2 5.84 0.63 7.32
N ASN B 3 5.92 0.74 6.00
CA ASN B 3 5.08 1.65 5.26
C ASN B 3 3.97 0.90 4.55
N VAL B 4 2.73 1.32 4.77
CA VAL B 4 1.59 0.73 4.12
C VAL B 4 0.91 1.76 3.21
N LEU B 5 0.87 1.45 1.93
CA LEU B 5 0.28 2.35 0.95
C LEU B 5 -0.94 1.69 0.32
N TYR B 6 -1.80 2.51 -0.27
CA TYR B 6 -3.04 2.02 -0.86
C TYR B 6 -3.15 2.38 -2.32
N ARG B 7 -3.76 1.50 -3.08
CA ARG B 7 -4.01 1.69 -4.49
C ARG B 7 -5.45 1.34 -4.81
N ARG B 8 -6.08 2.12 -5.68
CA ARG B 8 -7.48 1.89 -6.01
C ARG B 8 -7.59 1.05 -7.28
N SER A 2 10.26 -2.54 2.13
CA SER A 2 9.14 -3.04 2.94
C SER A 2 7.83 -2.35 2.55
N LYS A 3 7.75 -1.90 1.30
CA LYS A 3 6.56 -1.24 0.82
C LYS A 3 5.41 -2.23 0.70
N THR A 4 4.26 -1.84 1.18
CA THR A 4 3.08 -2.68 1.17
C THR A 4 1.96 -2.01 0.39
N PHE A 5 1.72 -2.50 -0.81
CA PHE A 5 0.71 -1.91 -1.67
C PHE A 5 -0.60 -2.65 -1.53
N ILE A 6 -1.58 -2.01 -0.93
CA ILE A 6 -2.88 -2.61 -0.74
C ILE A 6 -3.85 -2.08 -1.79
N GLN A 7 -4.23 -2.95 -2.70
CA GLN A 7 -5.15 -2.57 -3.76
C GLN A 7 -6.58 -2.84 -3.32
N VAL A 8 -7.34 -1.78 -3.21
CA VAL A 8 -8.73 -1.86 -2.82
C VAL A 8 -9.62 -1.62 -4.03
N LYS B 2 5.16 6.38 5.33
CA LYS B 2 4.54 5.08 5.53
C LYS B 2 4.95 4.14 4.42
N ASN B 3 5.21 2.90 4.81
CA ASN B 3 5.53 1.85 3.84
C ASN B 3 4.25 1.27 3.27
N VAL B 4 3.18 1.33 4.05
CA VAL B 4 1.88 0.85 3.59
C VAL B 4 1.22 1.91 2.72
N LEU B 5 1.02 1.57 1.46
CA LEU B 5 0.44 2.48 0.50
C LEU B 5 -0.81 1.87 -0.10
N TYR B 6 -1.87 2.66 -0.18
CA TYR B 6 -3.13 2.17 -0.70
C TYR B 6 -3.30 2.53 -2.16
N ARG B 7 -3.83 1.58 -2.91
CA ARG B 7 -4.07 1.75 -4.34
C ARG B 7 -5.51 1.37 -4.66
N ARG B 8 -6.17 2.17 -5.46
CA ARG B 8 -7.55 1.91 -5.80
C ARG B 8 -7.65 1.25 -7.16
#